data_2A3R
#
_entry.id   2A3R
#
_cell.length_a   79.263
_cell.length_b   123.610
_cell.length_c   73.116
_cell.angle_alpha   90.00
_cell.angle_beta   90.00
_cell.angle_gamma   90.00
#
_symmetry.space_group_name_H-M   'P 21 21 2'
#
loop_
_entity.id
_entity.type
_entity.pdbx_description
1 polymer 'Monoamine-sulfating phenol sulfotransferase'
2 non-polymer "ADENOSINE-3'-5'-DIPHOSPHATE"
3 non-polymer L-DOPAMINE
4 water water
#
_entity_poly.entity_id   1
_entity_poly.type   'polypeptide(L)'
_entity_poly.pdbx_seq_one_letter_code
;MELIQDTSRPPLEYVKGVPLIKYFAEALGPLQSFQARPDDLLINTYPKSGTTWVSQILDMIYQGGDLEKCNRAPIYVRVP
FLEVNDPGEPSGLETLKDTPPPRLIKSHLPLALLPQTLLDQKVKVVYVARNPKDVAVSYYHFHRMEKAHPEPGTWDSFLE
KFMAGEVSYGSWYQHVQEWWELSRTHPVLYLFYEDMKENPKREIQKILEFVGRSLPEETMDFMVQHTSFKEMKKNPMTNY
TTVPQELMDHSISPFMRKGMAGDWKTTFTVAQNERFDADYAEKMAGCSLSFRSEL
;
_entity_poly.pdbx_strand_id   A,B
#
# COMPACT_ATOMS: atom_id res chain seq x y z
N ARG A 9 -7.53 21.53 2.57
CA ARG A 9 -7.10 20.22 3.13
C ARG A 9 -7.05 19.17 2.01
N PRO A 10 -5.91 19.05 1.31
CA PRO A 10 -5.70 18.10 0.22
C PRO A 10 -5.56 16.66 0.69
N PRO A 11 -5.99 15.70 -0.15
CA PRO A 11 -5.89 14.28 0.23
C PRO A 11 -4.44 13.76 0.19
N LEU A 12 -4.23 12.59 0.78
CA LEU A 12 -2.91 11.99 0.81
C LEU A 12 -2.60 11.40 -0.56
N GLU A 13 -1.33 11.14 -0.82
CA GLU A 13 -0.90 10.53 -2.07
C GLU A 13 -0.12 9.32 -1.62
N TYR A 14 -0.23 8.23 -2.35
CA TYR A 14 0.50 7.05 -1.97
C TYR A 14 1.75 6.86 -2.80
N VAL A 15 2.87 6.62 -2.14
CA VAL A 15 4.12 6.40 -2.82
C VAL A 15 4.83 5.20 -2.22
N LYS A 16 5.05 4.18 -3.04
CA LYS A 16 5.72 2.96 -2.59
C LYS A 16 5.04 2.46 -1.33
N GLY A 17 3.72 2.48 -1.35
CA GLY A 17 2.92 2.01 -0.24
C GLY A 17 2.81 2.95 0.94
N VAL A 18 3.37 4.14 0.84
CA VAL A 18 3.30 5.06 1.96
C VAL A 18 2.41 6.26 1.71
N PRO A 19 1.46 6.51 2.63
CA PRO A 19 0.56 7.65 2.48
C PRO A 19 1.36 8.87 2.88
N LEU A 20 1.32 9.92 2.07
CA LEU A 20 2.04 11.14 2.36
C LEU A 20 1.20 12.36 2.03
N ILE A 21 1.61 13.50 2.56
CA ILE A 21 0.93 14.74 2.26
C ILE A 21 1.48 15.16 0.90
N LYS A 22 0.57 15.51 0.00
CA LYS A 22 0.91 15.90 -1.37
C LYS A 22 2.21 16.67 -1.52
N TYR A 23 2.38 17.71 -0.71
CA TYR A 23 3.60 18.51 -0.77
C TYR A 23 4.83 17.66 -0.52
N PHE A 24 4.75 16.71 0.42
CA PHE A 24 5.89 15.83 0.71
C PHE A 24 6.13 14.90 -0.47
N ALA A 25 5.05 14.30 -0.97
CA ALA A 25 5.17 13.38 -2.08
C ALA A 25 5.96 14.03 -3.22
N GLU A 26 5.64 15.29 -3.49
CA GLU A 26 6.30 16.04 -4.54
C GLU A 26 7.77 16.27 -4.29
N ALA A 27 8.10 16.67 -3.06
CA ALA A 27 9.47 16.96 -2.69
C ALA A 27 10.42 15.80 -2.96
N LEU A 28 9.86 14.58 -3.05
CA LEU A 28 10.65 13.39 -3.29
C LEU A 28 11.42 13.42 -4.60
N GLY A 29 10.95 14.23 -5.54
CA GLY A 29 11.62 14.32 -6.83
C GLY A 29 13.02 14.89 -6.65
N PRO A 30 13.12 16.15 -6.21
CA PRO A 30 14.42 16.80 -5.99
C PRO A 30 15.29 16.02 -5.01
N LEU A 31 14.67 15.47 -3.96
CA LEU A 31 15.39 14.73 -2.95
C LEU A 31 16.28 13.62 -3.47
N GLN A 32 16.05 13.17 -4.69
CA GLN A 32 16.87 12.10 -5.24
C GLN A 32 18.25 12.62 -5.59
N SER A 33 18.43 13.93 -5.55
CA SER A 33 19.71 14.55 -5.87
C SER A 33 20.47 14.99 -4.62
N PHE A 34 19.79 14.92 -3.47
CA PHE A 34 20.40 15.30 -2.21
C PHE A 34 21.66 14.50 -1.92
N GLN A 35 22.74 15.18 -1.56
CA GLN A 35 23.99 14.52 -1.23
C GLN A 35 24.27 14.69 0.24
N ALA A 36 24.36 13.58 0.96
CA ALA A 36 24.65 13.61 2.38
C ALA A 36 26.15 13.81 2.62
N ARG A 37 26.48 14.46 3.74
CA ARG A 37 27.85 14.68 4.16
C ARG A 37 28.11 13.69 5.29
N PRO A 38 29.34 13.17 5.40
CA PRO A 38 29.69 12.20 6.44
C PRO A 38 29.45 12.72 7.85
N ASP A 39 29.57 14.04 8.00
CA ASP A 39 29.39 14.65 9.31
C ASP A 39 27.99 15.21 9.53
N ASP A 40 27.03 14.70 8.78
CA ASP A 40 25.66 15.14 8.97
C ASP A 40 25.10 14.30 10.12
N LEU A 41 24.07 14.83 10.77
CA LEU A 41 23.41 14.15 11.89
C LEU A 41 21.92 14.15 11.54
N LEU A 42 21.35 12.96 11.36
CA LEU A 42 19.93 12.85 11.03
C LEU A 42 19.06 12.61 12.25
N ILE A 43 17.95 13.33 12.32
CA ILE A 43 17.00 13.14 13.41
C ILE A 43 15.73 12.61 12.76
N ASN A 44 15.45 11.33 12.96
CA ASN A 44 14.27 10.72 12.37
C ASN A 44 13.32 10.28 13.45
N THR A 45 12.03 10.41 13.18
CA THR A 45 10.99 10.01 14.14
C THR A 45 9.67 9.91 13.41
N TYR A 46 8.74 9.15 14.01
CA TYR A 46 7.40 9.07 13.46
C TYR A 46 6.82 10.36 14.04
N PRO A 47 5.96 11.06 13.30
CA PRO A 47 5.35 12.32 13.75
C PRO A 47 4.80 12.33 15.16
N LYS A 48 5.10 13.41 15.88
CA LYS A 48 4.64 13.64 17.25
C LYS A 48 5.34 12.79 18.33
N SER A 49 6.53 12.30 18.01
CA SER A 49 7.26 11.48 18.97
C SER A 49 8.36 12.25 19.70
N GLY A 50 8.41 13.57 19.52
CA GLY A 50 9.43 14.35 20.20
C GLY A 50 10.52 14.94 19.32
N THR A 51 10.20 15.10 18.02
CA THR A 51 11.15 15.65 17.07
C THR A 51 11.68 17.00 17.53
N THR A 52 10.78 17.96 17.69
CA THR A 52 11.15 19.31 18.11
C THR A 52 11.98 19.35 19.39
N TRP A 53 11.63 18.53 20.35
CA TRP A 53 12.33 18.47 21.62
C TRP A 53 13.79 18.03 21.46
N VAL A 54 14.02 16.91 20.77
CA VAL A 54 15.38 16.44 20.59
C VAL A 54 16.17 17.37 19.63
N SER A 55 15.45 18.08 18.77
CA SER A 55 16.10 19.00 17.84
C SER A 55 16.68 20.17 18.61
N GLN A 56 15.97 20.59 19.65
CA GLN A 56 16.41 21.71 20.46
C GLN A 56 17.61 21.32 21.29
N ILE A 57 17.55 20.13 21.90
CA ILE A 57 18.64 19.61 22.70
C ILE A 57 19.89 19.53 21.83
N LEU A 58 19.77 18.96 20.63
CA LEU A 58 20.90 18.82 19.73
C LEU A 58 21.48 20.12 19.21
N ASP A 59 20.64 21.11 18.93
CA ASP A 59 21.13 22.39 18.44
C ASP A 59 21.86 23.08 19.56
N MET A 60 21.41 22.88 20.79
CA MET A 60 22.08 23.49 21.94
C MET A 60 23.46 22.88 22.15
N ILE A 61 23.57 21.57 22.01
CA ILE A 61 24.86 20.91 22.18
C ILE A 61 25.82 21.43 21.11
N TYR A 62 25.32 21.57 19.89
CA TYR A 62 26.15 22.06 18.79
C TYR A 62 26.54 23.52 19.01
N GLN A 63 25.66 24.28 19.66
CA GLN A 63 25.93 25.69 19.93
C GLN A 63 26.61 25.84 21.28
N GLY A 64 27.22 24.77 21.77
CA GLY A 64 27.91 24.80 23.05
C GLY A 64 27.09 25.21 24.25
N GLY A 65 25.77 25.21 24.12
CA GLY A 65 24.92 25.57 25.24
C GLY A 65 24.57 27.05 25.27
N ASP A 66 24.90 27.75 24.19
CA ASP A 66 24.62 29.17 24.09
C ASP A 66 23.18 29.40 23.61
N LEU A 67 22.36 29.98 24.48
CA LEU A 67 20.96 30.24 24.17
C LEU A 67 20.75 31.30 23.09
N GLU A 68 21.64 32.30 23.06
CA GLU A 68 21.55 33.38 22.08
C GLU A 68 21.85 32.90 20.66
N LYS A 69 22.56 31.78 20.54
CA LYS A 69 22.88 31.22 19.23
C LYS A 69 21.70 30.35 18.80
N CYS A 70 21.05 29.71 19.77
CA CYS A 70 19.87 28.87 19.50
C CYS A 70 18.68 29.74 19.15
N ASN A 71 18.77 31.01 19.52
CA ASN A 71 17.72 31.98 19.25
C ASN A 71 17.86 32.54 17.83
N ARG A 72 19.01 32.28 17.20
CA ARG A 72 19.29 32.77 15.84
C ARG A 72 18.14 32.65 14.83
N ALA A 73 17.23 31.71 15.05
CA ALA A 73 16.11 31.51 14.13
C ALA A 73 15.25 30.38 14.65
N PRO A 74 14.08 30.16 14.02
CA PRO A 74 13.21 29.08 14.47
C PRO A 74 13.89 27.72 14.24
N ILE A 75 13.54 26.74 15.07
CA ILE A 75 14.09 25.40 14.97
C ILE A 75 14.04 24.84 13.56
N TYR A 76 12.89 25.01 12.89
CA TYR A 76 12.76 24.48 11.53
C TYR A 76 13.66 25.21 10.54
N VAL A 77 14.41 26.18 11.03
CA VAL A 77 15.34 26.92 10.21
C VAL A 77 16.75 26.48 10.61
N ARG A 78 16.92 26.18 11.89
CA ARG A 78 18.21 25.71 12.42
C ARG A 78 18.37 24.24 12.07
N VAL A 79 17.27 23.51 12.16
CA VAL A 79 17.25 22.09 11.84
C VAL A 79 16.30 21.91 10.67
N PRO A 80 16.81 22.05 9.44
CA PRO A 80 15.95 21.88 8.28
C PRO A 80 15.18 20.57 8.27
N PHE A 81 13.95 20.65 7.81
CA PHE A 81 13.04 19.52 7.68
C PHE A 81 13.25 19.03 6.25
N LEU A 82 13.95 17.92 6.10
CA LEU A 82 14.28 17.34 4.80
C LEU A 82 13.17 17.38 3.74
N GLU A 83 12.06 16.69 3.97
CA GLU A 83 10.95 16.62 3.00
C GLU A 83 10.07 17.87 2.86
N VAL A 84 10.15 18.79 3.82
CA VAL A 84 9.26 19.93 3.77
C VAL A 84 9.23 20.65 2.44
N ASN A 85 8.00 20.88 1.97
CA ASN A 85 7.75 21.54 0.70
C ASN A 85 6.44 22.31 0.83
N ASP A 86 6.39 23.15 1.84
CA ASP A 86 5.19 23.95 2.12
C ASP A 86 5.03 25.17 1.23
N PRO A 87 3.77 25.58 1.01
CA PRO A 87 3.39 26.75 0.20
C PRO A 87 3.85 28.05 0.85
N GLY A 88 4.71 28.78 0.15
CA GLY A 88 5.20 30.06 0.67
C GLY A 88 6.33 29.96 1.67
N GLU A 89 7.16 28.92 1.54
CA GLU A 89 8.30 28.71 2.43
C GLU A 89 9.38 27.96 1.66
N PRO A 90 10.66 28.17 2.00
CA PRO A 90 11.76 27.49 1.32
C PRO A 90 11.72 25.99 1.53
N SER A 91 11.87 25.23 0.45
CA SER A 91 11.86 23.78 0.56
C SER A 91 12.97 23.38 1.53
N GLY A 92 12.86 22.17 2.08
CA GLY A 92 13.88 21.70 2.99
C GLY A 92 15.21 21.53 2.26
N LEU A 93 15.17 20.93 1.08
CA LEU A 93 16.38 20.69 0.30
C LEU A 93 17.07 22.04 0.07
N GLU A 94 16.26 23.04 -0.19
CA GLU A 94 16.74 24.39 -0.45
C GLU A 94 17.44 24.94 0.76
N THR A 95 16.74 24.97 1.88
CA THR A 95 17.31 25.48 3.13
C THR A 95 18.61 24.76 3.50
N LEU A 96 18.75 23.50 3.08
CA LEU A 96 19.95 22.73 3.40
C LEU A 96 21.18 23.12 2.56
N LYS A 97 20.95 23.71 1.39
CA LYS A 97 22.07 24.11 0.53
C LYS A 97 22.91 25.16 1.26
N ASP A 98 22.24 26.02 2.03
CA ASP A 98 22.92 27.09 2.77
C ASP A 98 23.14 26.83 4.25
N THR A 99 22.94 25.60 4.70
CA THR A 99 23.16 25.30 6.11
C THR A 99 24.63 24.93 6.29
N PRO A 100 25.29 25.53 7.28
CA PRO A 100 26.71 25.29 7.58
C PRO A 100 26.98 23.97 8.27
N PRO A 101 27.94 23.19 7.74
CA PRO A 101 28.26 21.91 8.37
C PRO A 101 28.84 22.28 9.72
N PRO A 102 28.69 21.41 10.74
CA PRO A 102 27.99 20.13 10.61
C PRO A 102 26.50 20.45 10.68
N ARG A 103 25.72 19.75 9.87
CA ARG A 103 24.28 19.99 9.80
C ARG A 103 23.44 19.06 10.63
N LEU A 104 22.28 19.55 11.03
CA LEU A 104 21.30 18.78 11.79
C LEU A 104 20.08 18.72 10.90
N ILE A 105 19.67 17.52 10.54
CA ILE A 105 18.54 17.34 9.65
C ILE A 105 17.36 16.63 10.32
N LYS A 106 16.16 17.10 10.02
CA LYS A 106 14.94 16.50 10.56
C LYS A 106 14.15 15.78 9.47
N SER A 107 13.54 14.65 9.82
CA SER A 107 12.75 13.88 8.88
C SER A 107 11.85 12.85 9.56
N HIS A 108 10.77 12.49 8.87
CA HIS A 108 9.82 11.49 9.36
C HIS A 108 9.76 10.34 8.38
N LEU A 109 10.55 10.42 7.30
CA LEU A 109 10.49 9.37 6.27
C LEU A 109 10.83 7.96 6.71
N PRO A 110 10.06 6.98 6.19
CA PRO A 110 10.31 5.57 6.53
C PRO A 110 11.52 5.15 5.68
N LEU A 111 12.22 4.10 6.10
CA LEU A 111 13.37 3.62 5.38
C LEU A 111 13.09 3.47 3.88
N ALA A 112 11.91 3.01 3.53
CA ALA A 112 11.60 2.82 2.13
C ALA A 112 11.76 4.09 1.30
N LEU A 113 11.49 5.24 1.90
CA LEU A 113 11.57 6.50 1.17
C LEU A 113 12.77 7.37 1.48
N LEU A 114 13.59 6.94 2.44
CA LEU A 114 14.75 7.74 2.82
C LEU A 114 15.86 7.69 1.77
N PRO A 115 16.42 8.86 1.39
CA PRO A 115 17.49 8.95 0.38
C PRO A 115 18.68 8.08 0.75
N GLN A 116 19.05 7.19 -0.18
CA GLN A 116 20.15 6.25 0.01
C GLN A 116 21.47 6.90 0.46
N THR A 117 21.73 8.12 0.00
CA THR A 117 22.96 8.82 0.36
C THR A 117 23.21 8.86 1.87
N LEU A 118 22.13 8.99 2.64
CA LEU A 118 22.21 9.02 4.09
C LEU A 118 22.72 7.72 4.69
N LEU A 119 22.33 6.60 4.08
CA LEU A 119 22.77 5.30 4.56
C LEU A 119 24.20 5.05 4.07
N ASP A 120 24.43 5.24 2.77
CA ASP A 120 25.78 5.02 2.22
C ASP A 120 26.83 5.79 3.01
N GLN A 121 26.57 7.07 3.23
CA GLN A 121 27.50 7.92 3.96
C GLN A 121 27.61 7.58 5.44
N LYS A 122 26.90 6.53 5.88
CA LYS A 122 26.93 6.12 7.28
C LYS A 122 26.61 7.23 8.29
N VAL A 123 25.73 8.15 7.90
CA VAL A 123 25.34 9.26 8.77
C VAL A 123 24.76 8.76 10.10
N LYS A 124 25.19 9.38 11.19
CA LYS A 124 24.69 9.00 12.51
C LYS A 124 23.20 9.37 12.58
N VAL A 125 22.41 8.57 13.27
CA VAL A 125 20.99 8.87 13.36
C VAL A 125 20.49 8.81 14.80
N VAL A 126 19.74 9.84 15.18
CA VAL A 126 19.11 9.89 16.49
C VAL A 126 17.64 9.63 16.21
N TYR A 127 17.13 8.55 16.74
CA TYR A 127 15.74 8.19 16.53
C TYR A 127 14.98 8.29 17.84
N VAL A 128 13.76 8.80 17.79
CA VAL A 128 12.97 8.91 19.01
C VAL A 128 11.62 8.25 18.79
N ALA A 129 11.21 7.39 19.70
CA ALA A 129 9.92 6.72 19.62
C ALA A 129 9.08 7.05 20.87
N ARG A 130 7.76 7.05 20.73
CA ARG A 130 6.87 7.37 21.84
C ARG A 130 5.74 6.33 21.85
N ASN A 131 5.15 6.04 23.01
CA ASN A 131 4.08 5.05 23.05
C ASN A 131 2.96 5.48 22.11
N PRO A 132 2.49 4.55 21.28
CA PRO A 132 1.44 4.75 20.28
C PRO A 132 0.16 5.42 20.73
N LYS A 133 -0.27 5.18 21.96
CA LYS A 133 -1.49 5.82 22.41
C LYS A 133 -1.33 7.33 22.45
N ASP A 134 -0.31 7.81 23.13
CA ASP A 134 -0.06 9.25 23.19
C ASP A 134 0.20 9.84 21.79
N VAL A 135 0.91 9.11 20.95
CA VAL A 135 1.18 9.56 19.60
C VAL A 135 -0.13 9.78 18.84
N ALA A 136 -1.05 8.82 18.97
CA ALA A 136 -2.33 8.92 18.29
C ALA A 136 -3.13 10.15 18.69
N VAL A 137 -3.16 10.41 19.99
CA VAL A 137 -3.89 11.56 20.53
C VAL A 137 -3.23 12.84 20.05
N SER A 138 -1.92 12.92 20.26
CA SER A 138 -1.17 14.08 19.84
C SER A 138 -1.32 14.30 18.34
N TYR A 139 -1.30 13.22 17.56
CA TYR A 139 -1.42 13.32 16.11
C TYR A 139 -2.83 13.78 15.67
N TYR A 140 -3.84 13.42 16.45
CA TYR A 140 -5.21 13.83 16.11
C TYR A 140 -5.34 15.34 16.18
N HIS A 141 -4.91 15.92 17.30
CA HIS A 141 -4.99 17.36 17.45
C HIS A 141 -4.11 18.08 16.44
N PHE A 142 -2.95 17.51 16.14
CA PHE A 142 -2.05 18.11 15.17
C PHE A 142 -2.77 18.20 13.83
N HIS A 143 -3.57 17.18 13.52
CA HIS A 143 -4.32 17.15 12.26
C HIS A 143 -5.33 18.27 12.24
N ARG A 144 -5.83 18.62 13.41
CA ARG A 144 -6.80 19.68 13.55
C ARG A 144 -6.18 21.04 13.23
N MET A 145 -5.10 21.37 13.92
CA MET A 145 -4.45 22.66 13.75
C MET A 145 -3.51 22.81 12.55
N GLU A 146 -3.01 21.70 12.02
CA GLU A 146 -2.10 21.76 10.88
C GLU A 146 -2.93 21.65 9.60
N LYS A 147 -3.19 22.79 8.97
CA LYS A 147 -4.02 22.85 7.77
C LYS A 147 -3.53 22.11 6.52
N ALA A 148 -2.37 21.47 6.62
CA ALA A 148 -1.82 20.74 5.48
C ALA A 148 -2.27 19.26 5.48
N HIS A 149 -2.71 18.78 6.63
CA HIS A 149 -3.16 17.40 6.74
C HIS A 149 -4.64 17.29 6.36
N PRO A 150 -5.07 16.12 5.88
CA PRO A 150 -6.47 15.93 5.50
C PRO A 150 -7.39 16.02 6.71
N GLU A 151 -8.69 16.11 6.47
CA GLU A 151 -9.65 16.21 7.56
C GLU A 151 -9.58 14.96 8.43
N PRO A 152 -9.31 15.15 9.73
CA PRO A 152 -9.20 14.04 10.69
C PRO A 152 -10.55 13.43 11.06
N GLY A 153 -11.60 14.23 10.98
CA GLY A 153 -12.93 13.75 11.33
C GLY A 153 -13.05 13.60 12.83
N THR A 154 -13.80 12.60 13.27
CA THR A 154 -13.98 12.36 14.70
C THR A 154 -12.77 11.58 15.23
N TRP A 155 -12.55 11.67 16.53
CA TRP A 155 -11.45 10.96 17.17
C TRP A 155 -11.56 9.46 16.90
N ASP A 156 -12.76 8.93 17.06
CA ASP A 156 -12.98 7.49 16.86
C ASP A 156 -12.59 7.10 15.45
N SER A 157 -12.96 7.96 14.51
CA SER A 157 -12.68 7.76 13.10
C SER A 157 -11.18 7.80 12.89
N PHE A 158 -10.54 8.83 13.42
CA PHE A 158 -9.10 8.98 13.29
C PHE A 158 -8.37 7.75 13.84
N LEU A 159 -8.68 7.40 15.08
CA LEU A 159 -8.04 6.26 15.72
C LEU A 159 -8.09 5.00 14.87
N GLU A 160 -9.17 4.84 14.14
CA GLU A 160 -9.35 3.67 13.29
C GLU A 160 -8.31 3.72 12.16
N LYS A 161 -8.16 4.89 11.57
CA LYS A 161 -7.22 5.10 10.49
C LYS A 161 -5.80 5.00 10.98
N PHE A 162 -5.59 5.43 12.22
CA PHE A 162 -4.25 5.38 12.77
C PHE A 162 -3.81 3.93 12.91
N MET A 163 -4.74 3.06 13.30
CA MET A 163 -4.39 1.66 13.45
C MET A 163 -4.15 0.94 12.14
N ALA A 164 -4.83 1.40 11.10
CA ALA A 164 -4.70 0.83 9.77
C ALA A 164 -3.50 1.40 9.02
N GLY A 165 -2.85 2.39 9.62
CA GLY A 165 -1.71 3.02 8.97
C GLY A 165 -2.14 3.91 7.82
N GLU A 166 -3.39 4.38 7.86
CA GLU A 166 -3.91 5.24 6.80
C GLU A 166 -3.86 6.73 7.14
N VAL A 167 -2.66 7.19 7.51
CA VAL A 167 -2.42 8.57 7.88
C VAL A 167 -1.08 8.97 7.29
N SER A 168 -0.83 10.26 7.18
CA SER A 168 0.43 10.72 6.63
C SER A 168 1.63 9.96 7.24
N TYR A 169 2.55 9.57 6.37
CA TYR A 169 3.76 8.86 6.76
C TYR A 169 3.50 7.38 7.07
N GLY A 170 2.23 6.98 7.06
CA GLY A 170 1.92 5.58 7.28
C GLY A 170 1.91 4.98 8.67
N SER A 171 2.09 3.66 8.68
CA SER A 171 2.07 2.88 9.90
C SER A 171 3.15 3.14 10.94
N TRP A 172 2.70 3.49 12.14
CA TRP A 172 3.58 3.76 13.27
C TRP A 172 4.27 2.44 13.70
N TYR A 173 3.55 1.33 13.63
CA TYR A 173 4.11 0.06 14.04
C TYR A 173 5.30 -0.31 13.16
N GLN A 174 5.14 -0.10 11.86
CA GLN A 174 6.20 -0.43 10.91
C GLN A 174 7.38 0.53 10.99
N HIS A 175 7.09 1.79 11.27
CA HIS A 175 8.12 2.82 11.38
C HIS A 175 9.06 2.51 12.56
N VAL A 176 8.50 2.35 13.75
CA VAL A 176 9.33 2.06 14.92
C VAL A 176 10.09 0.73 14.83
N GLN A 177 9.46 -0.28 14.20
CA GLN A 177 10.09 -1.58 14.03
C GLN A 177 11.28 -1.56 13.09
N GLU A 178 11.10 -1.02 11.89
CA GLU A 178 12.18 -0.95 10.90
C GLU A 178 13.43 -0.28 11.46
N TRP A 179 13.25 0.88 12.09
CA TRP A 179 14.37 1.63 12.62
C TRP A 179 15.02 0.93 13.76
N TRP A 180 14.20 0.25 14.54
CA TRP A 180 14.72 -0.49 15.66
C TRP A 180 15.63 -1.56 15.12
N GLU A 181 15.19 -2.18 14.04
CA GLU A 181 15.95 -3.25 13.38
C GLU A 181 17.26 -2.76 12.77
N LEU A 182 17.18 -1.65 12.04
CA LEU A 182 18.31 -1.05 11.36
C LEU A 182 19.42 -0.64 12.31
N SER A 183 19.08 -0.41 13.57
CA SER A 183 20.08 0.01 14.56
C SER A 183 21.12 -1.06 14.89
N ARG A 184 21.10 -2.15 14.14
CA ARG A 184 22.06 -3.21 14.34
C ARG A 184 23.25 -3.04 13.41
N THR A 185 22.91 -2.61 12.21
CA THR A 185 23.85 -2.48 11.11
C THR A 185 24.23 -1.00 10.80
N HIS A 186 23.61 -0.03 11.49
CA HIS A 186 23.86 1.38 11.25
C HIS A 186 23.95 2.09 12.57
N PRO A 187 24.78 3.12 12.65
CA PRO A 187 24.93 3.86 13.91
C PRO A 187 23.64 4.61 14.24
N VAL A 188 22.84 4.03 15.12
CA VAL A 188 21.58 4.67 15.49
C VAL A 188 21.30 4.72 16.97
N LEU A 189 21.21 5.94 17.50
CA LEU A 189 20.89 6.12 18.90
C LEU A 189 19.37 6.05 18.94
N TYR A 190 18.83 5.01 19.57
CA TYR A 190 17.39 4.82 19.64
C TYR A 190 16.88 5.28 21.00
N LEU A 191 16.15 6.40 21.03
CA LEU A 191 15.63 6.94 22.29
C LEU A 191 14.12 6.76 22.48
N PHE A 192 13.68 6.96 23.72
CA PHE A 192 12.26 6.86 24.08
C PHE A 192 11.76 8.15 24.69
N TYR A 193 10.64 8.65 24.18
CA TYR A 193 10.04 9.89 24.67
C TYR A 193 9.87 9.81 26.19
N GLU A 194 9.28 8.71 26.63
CA GLU A 194 9.04 8.51 28.06
C GLU A 194 10.31 8.57 28.89
N ASP A 195 11.39 7.93 28.41
CA ASP A 195 12.64 7.98 29.15
C ASP A 195 13.08 9.44 29.28
N MET A 196 12.91 10.19 28.19
CA MET A 196 13.28 11.61 28.19
C MET A 196 12.46 12.38 29.21
N LYS A 197 11.18 12.04 29.35
CA LYS A 197 10.31 12.69 30.32
C LYS A 197 10.80 12.36 31.73
N GLU A 198 11.00 11.06 31.96
CA GLU A 198 11.45 10.54 33.25
C GLU A 198 12.75 11.13 33.80
N ASN A 199 13.79 11.16 32.97
CA ASN A 199 15.08 11.65 33.43
C ASN A 199 15.85 12.35 32.31
N PRO A 200 15.48 13.60 31.98
CA PRO A 200 16.14 14.37 30.92
C PRO A 200 17.65 14.23 30.90
N LYS A 201 18.29 14.67 31.97
CA LYS A 201 19.74 14.63 32.08
C LYS A 201 20.35 13.29 31.67
N ARG A 202 19.74 12.19 32.11
CA ARG A 202 20.25 10.87 31.77
C ARG A 202 20.26 10.62 30.27
N GLU A 203 19.26 11.14 29.58
CA GLU A 203 19.14 10.96 28.14
C GLU A 203 20.02 11.91 27.34
N ILE A 204 20.07 13.18 27.74
CA ILE A 204 20.90 14.13 26.99
C ILE A 204 22.34 13.65 27.05
N GLN A 205 22.71 13.04 28.18
CA GLN A 205 24.05 12.52 28.36
C GLN A 205 24.35 11.40 27.37
N LYS A 206 23.34 10.58 27.06
CA LYS A 206 23.53 9.51 26.09
C LYS A 206 23.77 10.17 24.73
N ILE A 207 23.09 11.28 24.47
CA ILE A 207 23.25 12.00 23.21
C ILE A 207 24.65 12.59 23.09
N LEU A 208 25.07 13.33 24.12
CA LEU A 208 26.39 13.93 24.12
C LEU A 208 27.41 12.86 23.80
N GLU A 209 27.28 11.71 24.43
CA GLU A 209 28.19 10.61 24.19
C GLU A 209 28.13 10.12 22.75
N PHE A 210 26.92 10.03 22.20
CA PHE A 210 26.73 9.56 20.83
C PHE A 210 27.38 10.44 19.76
N VAL A 211 27.19 11.75 19.86
CA VAL A 211 27.77 12.65 18.90
C VAL A 211 29.23 12.89 19.22
N GLY A 212 29.69 12.24 20.29
CA GLY A 212 31.07 12.39 20.70
C GLY A 212 31.48 13.77 21.16
N ARG A 213 30.68 14.41 21.99
CA ARG A 213 31.02 15.72 22.50
C ARG A 213 30.90 15.71 24.02
N SER A 214 31.29 16.82 24.64
CA SER A 214 31.22 16.90 26.09
C SER A 214 30.90 18.32 26.54
N LEU A 215 30.34 18.43 27.74
CA LEU A 215 29.96 19.74 28.28
C LEU A 215 30.13 19.81 29.78
N PRO A 216 30.40 21.02 30.30
CA PRO A 216 30.58 21.22 31.75
C PRO A 216 29.27 20.90 32.45
N GLU A 217 29.36 20.14 33.54
CA GLU A 217 28.20 19.75 34.34
C GLU A 217 27.17 20.86 34.46
N GLU A 218 27.64 22.06 34.76
CA GLU A 218 26.76 23.19 34.90
C GLU A 218 26.11 23.57 33.59
N THR A 219 26.84 23.46 32.48
CA THR A 219 26.15 23.79 31.17
C THR A 219 25.07 22.76 30.90
N MET A 220 25.36 21.50 31.27
CA MET A 220 24.40 20.44 31.07
C MET A 220 23.06 20.76 31.73
N ASP A 221 23.10 21.02 33.03
CA ASP A 221 21.90 21.38 33.79
C ASP A 221 21.15 22.53 33.14
N PHE A 222 21.89 23.48 32.59
CA PHE A 222 21.30 24.64 31.94
C PHE A 222 20.38 24.21 30.78
N MET A 223 20.85 23.27 29.96
CA MET A 223 20.06 22.79 28.82
C MET A 223 18.79 22.15 29.33
N VAL A 224 18.95 21.24 30.29
CA VAL A 224 17.84 20.54 30.90
C VAL A 224 16.66 21.47 31.20
N GLN A 225 16.98 22.66 31.68
CA GLN A 225 15.96 23.64 32.00
C GLN A 225 15.35 24.28 30.77
N HIS A 226 16.17 24.52 29.75
CA HIS A 226 15.69 25.16 28.53
C HIS A 226 15.20 24.21 27.45
N THR A 227 15.06 22.95 27.81
CA THR A 227 14.55 21.95 26.89
C THR A 227 13.33 21.40 27.61
N SER A 228 12.93 22.09 28.68
CA SER A 228 11.76 21.68 29.45
C SER A 228 10.53 22.10 28.65
N PHE A 229 9.42 21.41 28.85
CA PHE A 229 8.19 21.72 28.12
C PHE A 229 7.76 23.15 28.38
N LYS A 230 7.74 23.52 29.65
CA LYS A 230 7.35 24.85 30.11
C LYS A 230 8.09 25.91 29.31
N GLU A 231 9.42 25.81 29.35
CA GLU A 231 10.30 26.74 28.67
C GLU A 231 10.11 26.74 27.14
N MET A 232 10.16 25.57 26.52
CA MET A 232 9.99 25.48 25.07
C MET A 232 8.63 25.98 24.61
N LYS A 233 7.68 26.00 25.53
CA LYS A 233 6.32 26.45 25.23
C LYS A 233 6.25 27.98 25.09
N LYS A 234 7.03 28.70 25.89
CA LYS A 234 7.06 30.17 25.85
C LYS A 234 7.98 30.64 24.71
N ASN A 235 9.09 29.92 24.52
CA ASN A 235 10.05 30.25 23.48
C ASN A 235 9.38 30.20 22.10
N PRO A 236 9.32 31.35 21.41
CA PRO A 236 8.72 31.48 20.08
C PRO A 236 9.62 30.91 18.99
N MET A 237 10.86 30.59 19.36
CA MET A 237 11.81 30.03 18.43
C MET A 237 11.75 28.50 18.41
N THR A 238 10.85 27.93 19.20
CA THR A 238 10.68 26.48 19.24
C THR A 238 9.22 26.06 19.37
N ASN A 239 8.31 27.00 19.59
CA ASN A 239 6.90 26.63 19.74
C ASN A 239 6.05 26.78 18.47
N TYR A 240 6.71 27.00 17.34
CA TYR A 240 6.06 27.15 16.03
C TYR A 240 5.01 28.25 15.85
N THR A 241 5.00 29.25 16.73
CA THR A 241 4.03 30.35 16.60
C THR A 241 4.44 31.34 15.51
N THR A 242 5.64 31.13 14.95
CA THR A 242 6.17 32.00 13.91
C THR A 242 5.77 31.61 12.49
N VAL A 243 4.96 30.56 12.33
CA VAL A 243 4.53 30.18 10.99
C VAL A 243 3.11 30.75 10.81
N PRO A 244 2.74 31.09 9.56
CA PRO A 244 1.41 31.64 9.25
C PRO A 244 0.29 30.80 9.85
N GLN A 245 -0.87 31.40 10.10
CA GLN A 245 -2.00 30.67 10.67
C GLN A 245 -2.71 29.85 9.60
N GLU A 246 -2.19 29.90 8.38
CA GLU A 246 -2.78 29.16 7.26
C GLU A 246 -2.09 27.80 7.11
N LEU A 247 -0.96 27.66 7.81
CA LEU A 247 -0.17 26.43 7.84
C LEU A 247 -0.52 25.75 9.16
N MET A 248 -0.44 26.56 10.22
CA MET A 248 -0.73 26.11 11.58
C MET A 248 -1.59 27.13 12.31
N ASP A 249 -2.73 26.66 12.82
CA ASP A 249 -3.67 27.50 13.54
C ASP A 249 -3.67 27.14 15.04
N HIS A 250 -2.75 27.72 15.79
CA HIS A 250 -2.61 27.44 17.22
C HIS A 250 -3.84 27.66 18.09
N SER A 251 -4.82 28.43 17.61
CA SER A 251 -6.01 28.68 18.42
C SER A 251 -6.84 27.40 18.49
N ILE A 252 -6.73 26.57 17.45
CA ILE A 252 -7.46 25.31 17.38
C ILE A 252 -6.81 24.35 18.40
N SER A 253 -5.50 24.18 18.27
CA SER A 253 -4.73 23.32 19.16
C SER A 253 -3.28 23.77 19.07
N PRO A 254 -2.66 24.13 20.21
CA PRO A 254 -1.27 24.58 20.26
C PRO A 254 -0.31 23.50 19.76
N PHE A 255 0.82 23.92 19.18
CA PHE A 255 1.79 22.93 18.74
C PHE A 255 2.31 22.23 19.99
N MET A 256 2.54 23.02 21.03
CA MET A 256 2.99 22.54 22.33
C MET A 256 1.69 22.32 23.13
N ARG A 257 1.12 21.13 23.01
CA ARG A 257 -0.14 20.79 23.66
C ARG A 257 -0.09 20.52 25.16
N LYS A 258 0.55 19.43 25.57
CA LYS A 258 0.65 19.07 26.99
C LYS A 258 2.04 18.62 27.43
N GLY A 259 2.77 17.94 26.54
CA GLY A 259 4.10 17.47 26.87
C GLY A 259 4.09 16.45 27.99
N MET A 260 3.04 15.65 28.04
CA MET A 260 2.88 14.63 29.07
C MET A 260 2.84 13.21 28.55
N ALA A 261 3.40 12.31 29.33
CA ALA A 261 3.37 10.91 28.96
C ALA A 261 2.15 10.43 29.74
N GLY A 262 1.29 9.64 29.10
CA GLY A 262 0.12 9.14 29.81
C GLY A 262 -1.18 9.90 29.64
N ASP A 263 -1.14 11.03 28.95
CA ASP A 263 -2.32 11.86 28.72
C ASP A 263 -3.41 11.19 27.87
N TRP A 264 -3.08 10.07 27.24
CA TRP A 264 -4.05 9.37 26.40
C TRP A 264 -5.24 8.82 27.20
N LYS A 265 -5.01 8.54 28.47
CA LYS A 265 -6.07 8.01 29.33
C LYS A 265 -7.29 8.90 29.43
N THR A 266 -7.16 10.17 29.05
CA THR A 266 -8.30 11.07 29.14
C THR A 266 -8.95 11.27 27.80
N THR A 267 -8.57 10.46 26.81
CA THR A 267 -9.14 10.56 25.48
C THR A 267 -9.67 9.21 25.00
N PHE A 268 -8.90 8.15 25.23
CA PHE A 268 -9.34 6.82 24.83
C PHE A 268 -10.51 6.39 25.68
N THR A 269 -11.54 5.80 25.07
CA THR A 269 -12.66 5.32 25.86
C THR A 269 -12.24 3.91 26.23
N VAL A 270 -12.95 3.30 27.18
CA VAL A 270 -12.58 1.95 27.57
C VAL A 270 -12.69 0.99 26.39
N ALA A 271 -13.71 1.19 25.57
CA ALA A 271 -13.91 0.35 24.38
C ALA A 271 -12.73 0.53 23.43
N GLN A 272 -12.39 1.77 23.11
CA GLN A 272 -11.27 2.06 22.22
C GLN A 272 -9.98 1.44 22.75
N ASN A 273 -9.76 1.55 24.05
CA ASN A 273 -8.55 1.01 24.64
C ASN A 273 -8.45 -0.50 24.53
N GLU A 274 -9.58 -1.18 24.54
CA GLU A 274 -9.58 -2.63 24.46
C GLU A 274 -9.27 -3.07 23.05
N ARG A 275 -9.92 -2.39 22.11
CA ARG A 275 -9.76 -2.67 20.69
C ARG A 275 -8.30 -2.44 20.29
N PHE A 276 -7.71 -1.38 20.82
CA PHE A 276 -6.33 -1.02 20.54
C PHE A 276 -5.30 -1.99 21.13
N ASP A 277 -5.52 -2.45 22.36
CA ASP A 277 -4.58 -3.36 22.98
C ASP A 277 -4.48 -4.68 22.25
N ALA A 278 -5.64 -5.20 21.82
CA ALA A 278 -5.68 -6.46 21.11
C ALA A 278 -4.89 -6.33 19.81
N ASP A 279 -5.20 -5.26 19.08
CA ASP A 279 -4.56 -4.98 17.79
C ASP A 279 -3.05 -4.87 17.93
N TYR A 280 -2.62 -4.13 18.94
CA TYR A 280 -1.20 -3.91 19.20
C TYR A 280 -0.48 -5.20 19.56
N ALA A 281 -1.19 -6.07 20.27
CA ALA A 281 -0.64 -7.37 20.65
C ALA A 281 -0.33 -8.19 19.41
N GLU A 282 -1.18 -8.09 18.40
CA GLU A 282 -0.96 -8.83 17.15
C GLU A 282 0.22 -8.25 16.37
N LYS A 283 0.28 -6.93 16.30
CA LYS A 283 1.32 -6.24 15.54
C LYS A 283 2.71 -6.25 16.17
N MET A 284 2.79 -6.25 17.49
CA MET A 284 4.10 -6.22 18.15
C MET A 284 4.57 -7.60 18.63
N ALA A 285 3.82 -8.64 18.27
CA ALA A 285 4.10 -10.03 18.68
C ALA A 285 5.58 -10.45 18.82
N GLY A 286 6.28 -10.59 17.71
CA GLY A 286 7.66 -11.04 17.81
C GLY A 286 8.72 -9.96 17.95
N CYS A 287 8.35 -8.77 18.41
CA CYS A 287 9.35 -7.70 18.55
C CYS A 287 9.90 -7.47 19.95
N SER A 288 11.21 -7.26 20.01
CA SER A 288 11.87 -7.01 21.28
C SER A 288 11.62 -5.58 21.78
N LEU A 289 10.95 -4.77 20.96
CA LEU A 289 10.65 -3.39 21.33
C LEU A 289 9.64 -3.36 22.47
N SER A 290 9.82 -2.43 23.40
CA SER A 290 8.92 -2.32 24.55
C SER A 290 8.60 -0.86 24.92
N PHE A 291 7.31 -0.52 24.94
CA PHE A 291 6.92 0.84 25.29
C PHE A 291 6.18 0.97 26.61
N ARG A 292 6.42 2.09 27.29
CA ARG A 292 5.77 2.39 28.55
C ARG A 292 4.65 3.38 28.30
N SER A 293 3.41 2.94 28.50
CA SER A 293 2.24 3.78 28.29
C SER A 293 2.04 4.90 29.29
N GLU A 294 2.90 4.96 30.32
CA GLU A 294 2.85 6.01 31.35
C GLU A 294 4.07 5.92 32.29
N LEU A 295 4.18 6.86 33.22
CA LEU A 295 5.28 6.88 34.14
C LEU A 295 4.85 6.66 35.60
N ARG B 9 -13.40 -34.47 -7.34
CA ARG B 9 -14.26 -33.47 -8.09
C ARG B 9 -15.54 -33.21 -7.33
N PRO B 10 -15.48 -32.36 -6.30
CA PRO B 10 -16.62 -31.98 -5.45
C PRO B 10 -17.66 -31.13 -6.18
N PRO B 11 -18.93 -31.24 -5.77
CA PRO B 11 -19.99 -30.45 -6.41
C PRO B 11 -19.93 -28.96 -6.05
N LEU B 12 -20.63 -28.15 -6.84
CA LEU B 12 -20.69 -26.72 -6.62
C LEU B 12 -21.58 -26.44 -5.42
N GLU B 13 -21.42 -25.27 -4.82
CA GLU B 13 -22.27 -24.91 -3.70
C GLU B 13 -22.81 -23.55 -4.03
N TYR B 14 -24.09 -23.33 -3.77
CA TYR B 14 -24.71 -22.06 -4.08
C TYR B 14 -24.70 -21.04 -2.95
N VAL B 15 -24.31 -19.82 -3.28
CA VAL B 15 -24.27 -18.76 -2.29
C VAL B 15 -24.86 -17.49 -2.90
N LYS B 16 -25.92 -16.98 -2.30
CA LYS B 16 -26.57 -15.77 -2.80
C LYS B 16 -26.85 -15.89 -4.29
N GLY B 17 -27.26 -17.07 -4.70
CA GLY B 17 -27.58 -17.32 -6.09
C GLY B 17 -26.39 -17.60 -6.98
N VAL B 18 -25.19 -17.69 -6.42
CA VAL B 18 -24.02 -17.95 -7.25
C VAL B 18 -23.40 -19.30 -7.00
N PRO B 19 -23.17 -20.06 -8.07
CA PRO B 19 -22.55 -21.38 -7.96
C PRO B 19 -21.06 -21.13 -7.78
N LEU B 20 -20.47 -21.80 -6.81
CA LEU B 20 -19.05 -21.66 -6.54
C LEU B 20 -18.45 -23.02 -6.22
N ILE B 21 -17.14 -23.09 -6.28
CA ILE B 21 -16.42 -24.31 -5.94
C ILE B 21 -16.38 -24.28 -4.41
N LYS B 22 -16.73 -25.40 -3.79
CA LYS B 22 -16.75 -25.53 -2.33
C LYS B 22 -15.66 -24.74 -1.61
N TYR B 23 -14.42 -24.92 -2.04
CA TYR B 23 -13.30 -24.23 -1.42
C TYR B 23 -13.51 -22.71 -1.44
N PHE B 24 -14.00 -22.17 -2.55
CA PHE B 24 -14.25 -20.72 -2.64
C PHE B 24 -15.38 -20.30 -1.72
N ALA B 25 -16.48 -21.05 -1.76
CA ALA B 25 -17.64 -20.74 -0.92
C ALA B 25 -17.20 -20.61 0.54
N GLU B 26 -16.30 -21.50 0.97
CA GLU B 26 -15.81 -21.47 2.33
C GLU B 26 -15.01 -20.20 2.62
N ALA B 27 -14.07 -19.89 1.74
CA ALA B 27 -13.22 -18.71 1.89
C ALA B 27 -13.99 -17.43 2.19
N LEU B 28 -15.25 -17.40 1.78
CA LEU B 28 -16.09 -16.23 1.97
C LEU B 28 -16.27 -15.81 3.42
N GLY B 29 -16.05 -16.74 4.35
CA GLY B 29 -16.20 -16.42 5.76
C GLY B 29 -15.12 -15.44 6.17
N PRO B 30 -13.84 -15.86 6.11
CA PRO B 30 -12.74 -14.96 6.49
C PRO B 30 -12.79 -13.66 5.70
N LEU B 31 -13.05 -13.77 4.39
CA LEU B 31 -13.09 -12.60 3.51
C LEU B 31 -13.93 -11.43 3.99
N GLN B 32 -14.82 -11.68 4.93
CA GLN B 32 -15.65 -10.61 5.45
C GLN B 32 -14.83 -9.68 6.35
N SER B 33 -13.63 -10.13 6.71
CA SER B 33 -12.74 -9.33 7.55
C SER B 33 -11.67 -8.61 6.73
N PHE B 34 -11.57 -8.93 5.46
CA PHE B 34 -10.58 -8.31 4.59
C PHE B 34 -10.73 -6.79 4.55
N GLN B 35 -9.61 -6.10 4.74
CA GLN B 35 -9.61 -4.64 4.71
C GLN B 35 -8.82 -4.18 3.50
N ALA B 36 -9.50 -3.50 2.59
CA ALA B 36 -8.86 -3.01 1.38
C ALA B 36 -8.08 -1.72 1.68
N ARG B 37 -7.01 -1.50 0.92
CA ARG B 37 -6.19 -0.30 1.07
C ARG B 37 -6.56 0.59 -0.12
N PRO B 38 -6.50 1.92 0.06
CA PRO B 38 -6.84 2.85 -1.02
C PRO B 38 -5.96 2.71 -2.27
N ASP B 39 -4.74 2.23 -2.08
CA ASP B 39 -3.81 2.06 -3.18
C ASP B 39 -3.77 0.64 -3.72
N ASP B 40 -4.80 -0.15 -3.44
CA ASP B 40 -4.87 -1.51 -3.96
C ASP B 40 -5.39 -1.42 -5.39
N LEU B 41 -5.06 -2.41 -6.19
CA LEU B 41 -5.50 -2.47 -7.59
C LEU B 41 -6.17 -3.83 -7.74
N LEU B 42 -7.46 -3.84 -8.05
CA LEU B 42 -8.18 -5.09 -8.23
C LEU B 42 -8.28 -5.51 -9.68
N ILE B 43 -7.97 -6.77 -9.96
CA ILE B 43 -8.08 -7.33 -11.31
C ILE B 43 -9.24 -8.30 -11.27
N ASN B 44 -10.37 -7.94 -11.86
CA ASN B 44 -11.52 -8.81 -11.85
C ASN B 44 -11.86 -9.24 -13.26
N THR B 45 -12.27 -10.49 -13.41
CA THR B 45 -12.65 -11.05 -14.71
C THR B 45 -13.48 -12.31 -14.51
N TYR B 46 -14.24 -12.68 -15.53
CA TYR B 46 -15.00 -13.91 -15.46
C TYR B 46 -13.89 -14.90 -15.84
N PRO B 47 -13.87 -16.11 -15.26
CA PRO B 47 -12.86 -17.11 -15.56
C PRO B 47 -12.52 -17.32 -17.04
N LYS B 48 -11.23 -17.39 -17.33
CA LYS B 48 -10.68 -17.63 -18.67
C LYS B 48 -10.80 -16.45 -19.62
N SER B 49 -10.91 -15.25 -19.07
CA SER B 49 -11.04 -14.08 -19.92
C SER B 49 -9.74 -13.30 -20.08
N GLY B 50 -8.64 -13.87 -19.58
CA GLY B 50 -7.36 -13.19 -19.70
C GLY B 50 -6.76 -12.67 -18.40
N THR B 51 -7.17 -13.27 -17.29
CA THR B 51 -6.70 -12.87 -15.97
C THR B 51 -5.19 -12.93 -15.86
N THR B 52 -4.65 -14.12 -16.08
CA THR B 52 -3.20 -14.31 -16.00
C THR B 52 -2.43 -13.33 -16.86
N TRP B 53 -2.90 -13.10 -18.08
CA TRP B 53 -2.26 -12.21 -19.02
C TRP B 53 -2.17 -10.76 -18.52
N VAL B 54 -3.30 -10.20 -18.06
CA VAL B 54 -3.30 -8.83 -17.56
C VAL B 54 -2.58 -8.73 -16.20
N SER B 55 -2.50 -9.85 -15.49
CA SER B 55 -1.82 -9.85 -14.20
C SER B 55 -0.33 -9.72 -14.42
N GLN B 56 0.17 -10.33 -15.49
CA GLN B 56 1.59 -10.29 -15.82
C GLN B 56 1.95 -8.90 -16.33
N ILE B 57 1.07 -8.33 -17.16
CA ILE B 57 1.31 -6.98 -17.69
C ILE B 57 1.38 -6.00 -16.52
N LEU B 58 0.47 -6.11 -15.56
CA LEU B 58 0.44 -5.22 -14.41
C LEU B 58 1.62 -5.36 -13.46
N ASP B 59 2.04 -6.59 -13.21
CA ASP B 59 3.16 -6.82 -12.31
C ASP B 59 4.43 -6.28 -12.95
N MET B 60 4.51 -6.35 -14.27
CA MET B 60 5.68 -5.83 -14.98
C MET B 60 5.74 -4.31 -14.85
N ILE B 61 4.59 -3.66 -15.03
CA ILE B 61 4.53 -2.21 -14.92
C ILE B 61 4.96 -1.80 -13.50
N TYR B 62 4.46 -2.52 -12.50
CA TYR B 62 4.79 -2.25 -11.12
C TYR B 62 6.27 -2.49 -10.85
N GLN B 63 6.84 -3.47 -11.53
CA GLN B 63 8.26 -3.79 -11.36
C GLN B 63 9.10 -3.01 -12.36
N GLY B 64 8.57 -1.89 -12.83
CA GLY B 64 9.28 -1.06 -13.77
C GLY B 64 9.77 -1.72 -15.05
N GLY B 65 9.27 -2.92 -15.36
CA GLY B 65 9.69 -3.60 -16.57
C GLY B 65 10.83 -4.58 -16.37
N ASP B 66 11.19 -4.81 -15.10
CA ASP B 66 12.27 -5.73 -14.76
C ASP B 66 11.78 -7.17 -14.75
N LEU B 67 12.32 -7.99 -15.65
CA LEU B 67 11.93 -9.39 -15.77
C LEU B 67 12.39 -10.23 -14.58
N GLU B 68 13.57 -9.93 -14.06
CA GLU B 68 14.13 -10.67 -12.93
C GLU B 68 13.31 -10.48 -11.65
N LYS B 69 12.56 -9.38 -11.57
CA LYS B 69 11.72 -9.11 -10.41
C LYS B 69 10.40 -9.83 -10.61
N CYS B 70 9.95 -9.94 -11.86
CA CYS B 70 8.70 -10.62 -12.17
C CYS B 70 8.92 -12.12 -12.03
N ASN B 71 10.18 -12.54 -12.05
CA ASN B 71 10.47 -13.96 -11.92
C ASN B 71 10.64 -14.35 -10.45
N ARG B 72 10.50 -13.36 -9.57
CA ARG B 72 10.58 -13.60 -8.12
C ARG B 72 9.74 -14.74 -7.60
N ALA B 73 8.65 -15.01 -8.30
CA ALA B 73 7.74 -16.10 -7.89
C ALA B 73 6.60 -16.25 -8.89
N PRO B 74 5.79 -17.32 -8.75
CA PRO B 74 4.67 -17.53 -9.67
C PRO B 74 3.66 -16.39 -9.57
N ILE B 75 2.98 -16.11 -10.68
CA ILE B 75 1.99 -15.04 -10.74
C ILE B 75 0.99 -15.12 -9.59
N TYR B 76 0.47 -16.31 -9.32
CA TYR B 76 -0.51 -16.45 -8.25
C TYR B 76 0.08 -16.15 -6.87
N VAL B 77 1.37 -15.85 -6.85
CA VAL B 77 2.05 -15.51 -5.62
C VAL B 77 2.31 -14.01 -5.64
N ARG B 78 2.60 -13.48 -6.84
CA ARG B 78 2.85 -12.05 -7.01
C ARG B 78 1.52 -11.32 -6.98
N VAL B 79 0.51 -11.94 -7.57
CA VAL B 79 -0.84 -11.39 -7.62
C VAL B 79 -1.77 -12.37 -6.92
N PRO B 80 -1.92 -12.23 -5.60
CA PRO B 80 -2.79 -13.12 -4.84
C PRO B 80 -4.20 -13.22 -5.36
N PHE B 81 -4.71 -14.44 -5.34
CA PHE B 81 -6.05 -14.75 -5.79
C PHE B 81 -6.93 -14.62 -4.54
N LEU B 82 -7.65 -13.52 -4.46
CA LEU B 82 -8.52 -13.21 -3.32
C LEU B 82 -9.29 -14.37 -2.67
N GLU B 83 -10.14 -15.05 -3.43
CA GLU B 83 -10.95 -16.17 -2.91
C GLU B 83 -10.27 -17.51 -2.77
N VAL B 84 -9.11 -17.70 -3.41
CA VAL B 84 -8.44 -18.99 -3.38
C VAL B 84 -8.34 -19.59 -2.00
N ASN B 85 -8.72 -20.86 -1.92
CA ASN B 85 -8.70 -21.61 -0.67
C ASN B 85 -8.45 -23.07 -1.02
N ASP B 86 -7.36 -23.30 -1.75
CA ASP B 86 -6.98 -24.64 -2.19
C ASP B 86 -6.32 -25.49 -1.10
N PRO B 87 -6.48 -26.82 -1.19
CA PRO B 87 -5.93 -27.81 -0.26
C PRO B 87 -4.41 -27.93 -0.38
N GLY B 88 -3.68 -27.56 0.68
CA GLY B 88 -2.23 -27.65 0.64
C GLY B 88 -1.56 -26.44 0.02
N GLU B 89 -2.16 -25.27 0.23
CA GLU B 89 -1.63 -24.02 -0.29
C GLU B 89 -2.19 -22.89 0.59
N PRO B 90 -1.45 -21.78 0.71
CA PRO B 90 -1.86 -20.63 1.51
C PRO B 90 -3.14 -19.99 0.95
N SER B 91 -4.09 -19.70 1.82
CA SER B 91 -5.32 -19.06 1.37
C SER B 91 -4.95 -17.69 0.76
N GLY B 92 -5.83 -17.16 -0.08
CA GLY B 92 -5.54 -15.87 -0.69
C GLY B 92 -5.43 -14.79 0.36
N LEU B 93 -6.41 -14.73 1.26
CA LEU B 93 -6.43 -13.73 2.31
C LEU B 93 -5.12 -13.79 3.09
N GLU B 94 -4.63 -15.00 3.28
CA GLU B 94 -3.38 -15.21 4.01
C GLU B 94 -2.24 -14.59 3.24
N THR B 95 -2.04 -15.05 2.00
CA THR B 95 -0.99 -14.54 1.15
C THR B 95 -1.02 -13.00 1.07
N LEU B 96 -2.21 -12.42 1.24
CA LEU B 96 -2.36 -10.96 1.17
C LEU B 96 -1.86 -10.21 2.40
N LYS B 97 -1.80 -10.90 3.54
CA LYS B 97 -1.32 -10.26 4.77
C LYS B 97 0.14 -9.85 4.60
N ASP B 98 0.92 -10.66 3.90
CA ASP B 98 2.34 -10.39 3.68
C ASP B 98 2.70 -9.80 2.32
N THR B 99 1.71 -9.33 1.57
CA THR B 99 2.03 -8.74 0.29
C THR B 99 2.29 -7.25 0.51
N PRO B 100 3.40 -6.75 -0.04
CA PRO B 100 3.81 -5.36 0.09
C PRO B 100 3.01 -4.38 -0.77
N PRO B 101 2.50 -3.30 -0.15
CA PRO B 101 1.74 -2.33 -0.94
C PRO B 101 2.75 -1.72 -1.90
N PRO B 102 2.31 -1.28 -3.07
CA PRO B 102 0.91 -1.37 -3.51
C PRO B 102 0.67 -2.80 -3.98
N ARG B 103 -0.51 -3.32 -3.65
CA ARG B 103 -0.88 -4.69 -3.99
C ARG B 103 -1.70 -4.85 -5.26
N LEU B 104 -1.53 -6.00 -5.90
CA LEU B 104 -2.28 -6.35 -7.09
C LEU B 104 -3.09 -7.57 -6.68
N ILE B 105 -4.41 -7.45 -6.75
CA ILE B 105 -5.30 -8.52 -6.35
C ILE B 105 -6.13 -9.13 -7.48
N LYS B 106 -6.20 -10.45 -7.51
CA LYS B 106 -6.96 -11.16 -8.54
C LYS B 106 -8.27 -11.71 -7.96
N SER B 107 -9.32 -11.75 -8.78
CA SER B 107 -10.61 -12.29 -8.35
C SER B 107 -11.56 -12.47 -9.53
N HIS B 108 -12.52 -13.37 -9.35
CA HIS B 108 -13.54 -13.64 -10.36
C HIS B 108 -14.91 -13.39 -9.74
N LEU B 109 -14.94 -12.98 -8.48
CA LEU B 109 -16.21 -12.77 -7.80
C LEU B 109 -17.15 -11.76 -8.45
N PRO B 110 -18.45 -12.07 -8.45
CA PRO B 110 -19.46 -11.18 -9.03
C PRO B 110 -19.68 -10.09 -7.98
N LEU B 111 -20.20 -8.94 -8.40
CA LEU B 111 -20.46 -7.85 -7.47
C LEU B 111 -21.20 -8.27 -6.21
N ALA B 112 -22.20 -9.14 -6.37
CA ALA B 112 -22.97 -9.61 -5.22
C ALA B 112 -22.13 -10.21 -4.10
N LEU B 113 -21.01 -10.85 -4.45
CA LEU B 113 -20.17 -11.50 -3.47
C LEU B 113 -18.88 -10.76 -3.13
N LEU B 114 -18.59 -9.69 -3.86
CA LEU B 114 -17.36 -8.94 -3.63
C LEU B 114 -17.34 -8.15 -2.32
N PRO B 115 -16.28 -8.31 -1.52
CA PRO B 115 -16.14 -7.59 -0.24
C PRO B 115 -16.37 -6.09 -0.40
N GLN B 116 -17.31 -5.55 0.38
CA GLN B 116 -17.66 -4.13 0.31
C GLN B 116 -16.47 -3.18 0.49
N THR B 117 -15.51 -3.57 1.32
CA THR B 117 -14.34 -2.73 1.55
C THR B 117 -13.68 -2.27 0.23
N LEU B 118 -13.73 -3.11 -0.79
CA LEU B 118 -13.14 -2.77 -2.09
C LEU B 118 -13.86 -1.62 -2.78
N LEU B 119 -15.17 -1.56 -2.63
CA LEU B 119 -15.94 -0.49 -3.25
C LEU B 119 -15.82 0.78 -2.41
N ASP B 120 -16.00 0.64 -1.10
CA ASP B 120 -15.90 1.79 -0.20
C ASP B 120 -14.59 2.55 -0.40
N GLN B 121 -13.48 1.82 -0.33
CA GLN B 121 -12.16 2.40 -0.50
C GLN B 121 -11.89 2.91 -1.92
N LYS B 122 -12.88 2.79 -2.78
CA LYS B 122 -12.75 3.27 -4.17
C LYS B 122 -11.54 2.71 -4.93
N VAL B 123 -11.18 1.47 -4.62
CA VAL B 123 -10.07 0.80 -5.28
C VAL B 123 -10.25 0.75 -6.80
N LYS B 124 -9.20 1.10 -7.53
CA LYS B 124 -9.26 1.06 -8.98
C LYS B 124 -9.45 -0.40 -9.43
N VAL B 125 -10.18 -0.60 -10.52
CA VAL B 125 -10.40 -1.95 -11.01
C VAL B 125 -10.12 -2.08 -12.49
N VAL B 126 -9.34 -3.11 -12.83
CA VAL B 126 -9.05 -3.41 -14.22
C VAL B 126 -9.92 -4.64 -14.49
N TYR B 127 -10.82 -4.53 -15.45
CA TYR B 127 -11.71 -5.63 -15.79
C TYR B 127 -11.41 -6.12 -17.21
N VAL B 128 -11.47 -7.43 -17.42
CA VAL B 128 -11.22 -7.94 -18.76
C VAL B 128 -12.34 -8.89 -19.16
N ALA B 129 -12.86 -8.69 -20.36
CA ALA B 129 -13.94 -9.52 -20.89
C ALA B 129 -13.49 -10.15 -22.21
N ARG B 130 -14.04 -11.32 -22.51
CA ARG B 130 -13.68 -12.06 -23.72
C ARG B 130 -15.00 -12.55 -24.33
N ASN B 131 -15.03 -12.79 -25.64
CA ASN B 131 -16.28 -13.22 -26.23
C ASN B 131 -16.65 -14.57 -25.59
N PRO B 132 -17.92 -14.74 -25.24
CA PRO B 132 -18.47 -15.94 -24.59
C PRO B 132 -18.15 -17.27 -25.25
N LYS B 133 -18.14 -17.31 -26.58
CA LYS B 133 -17.85 -18.57 -27.26
C LYS B 133 -16.45 -19.09 -26.91
N ASP B 134 -15.44 -18.25 -27.08
CA ASP B 134 -14.08 -18.66 -26.73
C ASP B 134 -13.97 -18.96 -25.22
N VAL B 135 -14.68 -18.19 -24.40
CA VAL B 135 -14.65 -18.40 -22.96
C VAL B 135 -15.20 -19.79 -22.62
N ALA B 136 -16.31 -20.14 -23.24
CA ALA B 136 -16.95 -21.43 -23.00
C ALA B 136 -16.01 -22.58 -23.34
N VAL B 137 -15.36 -22.49 -24.49
CA VAL B 137 -14.45 -23.54 -24.95
C VAL B 137 -13.27 -23.64 -24.00
N SER B 138 -12.66 -22.49 -23.71
CA SER B 138 -11.52 -22.41 -22.82
C SER B 138 -11.90 -22.93 -21.43
N TYR B 139 -13.11 -22.60 -21.00
CA TYR B 139 -13.58 -23.03 -19.69
C TYR B 139 -13.83 -24.55 -19.64
N TYR B 140 -14.28 -25.14 -20.74
CA TYR B 140 -14.54 -26.58 -20.79
C TYR B 140 -13.24 -27.32 -20.52
N HIS B 141 -12.20 -26.99 -21.29
CA HIS B 141 -10.92 -27.65 -21.11
C HIS B 141 -10.34 -27.41 -19.72
N PHE B 142 -10.51 -26.20 -19.20
CA PHE B 142 -10.01 -25.86 -17.88
C PHE B 142 -10.65 -26.80 -16.86
N HIS B 143 -11.92 -27.11 -17.08
CA HIS B 143 -12.66 -28.00 -16.19
C HIS B 143 -12.08 -29.40 -16.25
N ARG B 144 -11.49 -29.74 -17.38
CA ARG B 144 -10.90 -31.04 -17.56
C ARG B 144 -9.60 -31.19 -16.76
N MET B 145 -8.70 -30.23 -16.94
CA MET B 145 -7.41 -30.26 -16.29
C MET B 145 -7.36 -29.74 -14.86
N GLU B 146 -8.33 -28.92 -14.48
CA GLU B 146 -8.35 -28.38 -13.12
C GLU B 146 -9.21 -29.31 -12.27
N LYS B 147 -8.55 -30.14 -11.47
CA LYS B 147 -9.21 -31.14 -10.63
C LYS B 147 -10.11 -30.63 -9.51
N ALA B 148 -10.22 -29.32 -9.37
CA ALA B 148 -11.05 -28.74 -8.33
C ALA B 148 -12.49 -28.48 -8.83
N HIS B 149 -12.67 -28.42 -10.14
CA HIS B 149 -13.98 -28.19 -10.71
C HIS B 149 -14.72 -29.51 -10.88
N PRO B 150 -16.06 -29.46 -10.86
CA PRO B 150 -16.87 -30.68 -11.02
C PRO B 150 -16.67 -31.30 -12.40
N GLU B 151 -17.13 -32.54 -12.57
CA GLU B 151 -17.01 -33.23 -13.84
C GLU B 151 -17.78 -32.43 -14.89
N PRO B 152 -17.08 -32.01 -15.96
CA PRO B 152 -17.67 -31.23 -17.06
C PRO B 152 -18.55 -32.04 -18.01
N GLY B 153 -18.31 -33.35 -18.06
CA GLY B 153 -19.08 -34.22 -18.94
C GLY B 153 -18.70 -33.96 -20.39
N THR B 154 -19.68 -34.11 -21.29
CA THR B 154 -19.42 -33.88 -22.70
C THR B 154 -19.47 -32.38 -23.00
N TRP B 155 -18.82 -31.96 -24.06
CA TRP B 155 -18.81 -30.55 -24.45
C TRP B 155 -20.25 -30.04 -24.59
N ASP B 156 -21.08 -30.80 -25.30
CA ASP B 156 -22.48 -30.39 -25.52
C ASP B 156 -23.19 -30.18 -24.18
N SER B 157 -22.89 -31.06 -23.24
CA SER B 157 -23.47 -31.01 -21.92
C SER B 157 -23.01 -29.72 -21.23
N PHE B 158 -21.71 -29.49 -21.27
CA PHE B 158 -21.09 -28.32 -20.65
C PHE B 158 -21.66 -27.02 -21.22
N LEU B 159 -21.70 -26.93 -22.54
CA LEU B 159 -22.20 -25.75 -23.21
C LEU B 159 -23.60 -25.40 -22.74
N GLU B 160 -24.37 -26.43 -22.44
CA GLU B 160 -25.74 -26.24 -21.99
C GLU B 160 -25.73 -25.58 -20.60
N LYS B 161 -24.85 -26.08 -19.74
CA LYS B 161 -24.74 -25.54 -18.39
C LYS B 161 -24.15 -24.15 -18.40
N PHE B 162 -23.23 -23.92 -19.33
CA PHE B 162 -22.60 -22.62 -19.43
C PHE B 162 -23.65 -21.56 -19.77
N MET B 163 -24.59 -21.91 -20.65
CA MET B 163 -25.63 -20.96 -21.03
C MET B 163 -26.65 -20.69 -19.93
N ALA B 164 -26.84 -21.66 -19.05
CA ALA B 164 -27.79 -21.52 -17.96
C ALA B 164 -27.12 -20.88 -16.75
N GLY B 165 -25.81 -20.69 -16.85
CA GLY B 165 -25.07 -20.11 -15.74
C GLY B 165 -24.87 -21.09 -14.60
N GLU B 166 -24.94 -22.39 -14.91
CA GLU B 166 -24.77 -23.42 -13.89
C GLU B 166 -23.35 -23.96 -13.84
N VAL B 167 -22.41 -23.04 -13.69
CA VAL B 167 -20.99 -23.38 -13.62
C VAL B 167 -20.36 -22.50 -12.56
N SER B 168 -19.16 -22.87 -12.11
CA SER B 168 -18.51 -22.07 -11.08
C SER B 168 -18.48 -20.59 -11.42
N TYR B 169 -18.85 -19.76 -10.44
CA TYR B 169 -18.88 -18.32 -10.56
C TYR B 169 -20.13 -17.82 -11.27
N GLY B 170 -20.94 -18.76 -11.76
CA GLY B 170 -22.19 -18.40 -12.40
C GLY B 170 -22.22 -17.86 -13.81
N SER B 171 -23.29 -17.11 -14.08
CA SER B 171 -23.54 -16.52 -15.38
C SER B 171 -22.56 -15.50 -15.93
N TRP B 172 -22.01 -15.79 -17.10
CA TRP B 172 -21.06 -14.93 -17.77
C TRP B 172 -21.76 -13.67 -18.27
N TYR B 173 -23.00 -13.82 -18.75
CA TYR B 173 -23.73 -12.69 -19.26
C TYR B 173 -23.95 -11.65 -18.15
N GLN B 174 -24.34 -12.12 -16.98
CA GLN B 174 -24.59 -11.26 -15.83
C GLN B 174 -23.30 -10.59 -15.34
N HIS B 175 -22.22 -11.36 -15.32
CA HIS B 175 -20.93 -10.91 -14.83
C HIS B 175 -20.41 -9.74 -15.68
N VAL B 176 -20.36 -9.91 -16.99
CA VAL B 176 -19.85 -8.85 -17.86
C VAL B 176 -20.77 -7.61 -17.84
N GLN B 177 -22.08 -7.83 -17.72
CA GLN B 177 -23.03 -6.73 -17.69
C GLN B 177 -22.94 -5.90 -16.42
N GLU B 178 -22.97 -6.55 -15.26
CA GLU B 178 -22.88 -5.83 -13.98
C GLU B 178 -21.68 -4.89 -13.97
N TRP B 179 -20.50 -5.46 -14.19
CA TRP B 179 -19.27 -4.71 -14.15
C TRP B 179 -19.26 -3.60 -15.18
N TRP B 180 -19.82 -3.88 -16.34
CA TRP B 180 -19.88 -2.88 -17.38
C TRP B 180 -20.68 -1.69 -16.88
N GLU B 181 -21.74 -2.00 -16.16
CA GLU B 181 -22.62 -0.98 -15.60
C GLU B 181 -21.93 -0.24 -14.47
N LEU B 182 -21.27 -0.98 -13.58
CA LEU B 182 -20.58 -0.35 -12.44
C LEU B 182 -19.51 0.66 -12.84
N SER B 183 -18.95 0.49 -14.04
CA SER B 183 -17.89 1.37 -14.53
C SER B 183 -18.34 2.81 -14.77
N ARG B 184 -19.53 3.15 -14.28
CA ARG B 184 -20.06 4.49 -14.44
C ARG B 184 -19.97 5.24 -13.12
N THR B 185 -20.00 4.49 -12.02
CA THR B 185 -19.93 5.10 -10.71
C THR B 185 -18.65 4.71 -9.95
N HIS B 186 -17.79 3.91 -10.59
CA HIS B 186 -16.56 3.48 -9.96
C HIS B 186 -15.42 3.51 -10.98
N PRO B 187 -14.19 3.79 -10.54
CA PRO B 187 -13.06 3.83 -11.46
C PRO B 187 -12.76 2.44 -11.99
N VAL B 188 -13.24 2.15 -13.19
CA VAL B 188 -13.03 0.84 -13.78
C VAL B 188 -12.53 0.87 -15.21
N LEU B 189 -11.34 0.35 -15.42
CA LEU B 189 -10.79 0.26 -16.76
C LEU B 189 -11.38 -1.05 -17.30
N TYR B 190 -12.25 -0.96 -18.30
CA TYR B 190 -12.90 -2.13 -18.86
C TYR B 190 -12.21 -2.51 -20.17
N LEU B 191 -11.49 -3.63 -20.18
CA LEU B 191 -10.77 -4.07 -21.36
C LEU B 191 -11.41 -5.27 -22.07
N PHE B 192 -10.96 -5.52 -23.28
CA PHE B 192 -11.42 -6.65 -24.09
C PHE B 192 -10.24 -7.53 -24.50
N TYR B 193 -10.40 -8.83 -24.31
CA TYR B 193 -9.37 -9.80 -24.65
C TYR B 193 -8.96 -9.65 -26.12
N GLU B 194 -9.95 -9.59 -26.99
CA GLU B 194 -9.73 -9.45 -28.42
C GLU B 194 -8.91 -8.18 -28.74
N ASP B 195 -9.25 -7.06 -28.10
CA ASP B 195 -8.51 -5.81 -28.34
C ASP B 195 -7.05 -6.08 -27.96
N MET B 196 -6.86 -6.76 -26.84
CA MET B 196 -5.51 -7.06 -26.41
C MET B 196 -4.79 -7.92 -27.43
N LYS B 197 -5.51 -8.86 -28.07
CA LYS B 197 -4.92 -9.73 -29.08
C LYS B 197 -4.56 -8.89 -30.30
N GLU B 198 -5.50 -8.06 -30.71
CA GLU B 198 -5.35 -7.20 -31.86
C GLU B 198 -4.15 -6.25 -31.80
N ASN B 199 -4.06 -5.48 -30.71
CA ASN B 199 -2.99 -4.50 -30.59
C ASN B 199 -2.52 -4.37 -29.14
N PRO B 200 -1.66 -5.28 -28.69
CA PRO B 200 -1.14 -5.26 -27.32
C PRO B 200 -0.72 -3.88 -26.83
N LYS B 201 0.26 -3.30 -27.51
CA LYS B 201 0.80 -1.99 -27.14
C LYS B 201 -0.28 -0.94 -26.91
N ARG B 202 -1.29 -0.90 -27.77
CA ARG B 202 -2.37 0.05 -27.61
C ARG B 202 -3.09 -0.14 -26.28
N GLU B 203 -3.26 -1.39 -25.88
CA GLU B 203 -3.97 -1.66 -24.63
C GLU B 203 -3.13 -1.44 -23.39
N ILE B 204 -1.89 -1.93 -23.39
CA ILE B 204 -1.03 -1.75 -22.24
C ILE B 204 -0.88 -0.27 -21.94
N GLN B 205 -0.89 0.54 -22.98
CA GLN B 205 -0.76 1.98 -22.83
C GLN B 205 -2.00 2.54 -22.10
N LYS B 206 -3.17 1.98 -22.36
CA LYS B 206 -4.38 2.41 -21.67
C LYS B 206 -4.20 2.09 -20.18
N ILE B 207 -3.58 0.95 -19.91
CA ILE B 207 -3.35 0.52 -18.54
C ILE B 207 -2.38 1.47 -17.84
N LEU B 208 -1.22 1.72 -18.45
CA LEU B 208 -0.23 2.62 -17.87
C LEU B 208 -0.91 3.92 -17.51
N GLU B 209 -1.71 4.44 -18.42
CA GLU B 209 -2.41 5.68 -18.17
C GLU B 209 -3.36 5.56 -16.98
N PHE B 210 -4.09 4.45 -16.90
CA PHE B 210 -5.06 4.20 -15.82
C PHE B 210 -4.45 4.19 -14.41
N VAL B 211 -3.37 3.46 -14.23
CA VAL B 211 -2.70 3.37 -12.93
C VAL B 211 -1.82 4.61 -12.74
N GLY B 212 -1.90 5.52 -13.70
CA GLY B 212 -1.13 6.74 -13.66
C GLY B 212 0.38 6.57 -13.58
N ARG B 213 0.94 5.75 -14.45
CA ARG B 213 2.39 5.56 -14.48
C ARG B 213 2.89 5.74 -15.89
N SER B 214 4.20 5.71 -16.06
CA SER B 214 4.76 5.87 -17.40
C SER B 214 6.02 5.04 -17.58
N LEU B 215 6.36 4.77 -18.83
CA LEU B 215 7.53 3.96 -19.14
C LEU B 215 8.19 4.36 -20.46
N PRO B 216 9.51 4.17 -20.55
CA PRO B 216 10.26 4.50 -21.77
C PRO B 216 9.75 3.65 -22.92
N GLU B 217 9.52 4.29 -24.07
CA GLU B 217 9.04 3.60 -25.26
C GLU B 217 9.67 2.22 -25.41
N GLU B 218 10.99 2.16 -25.26
CA GLU B 218 11.71 0.90 -25.37
C GLU B 218 11.14 -0.14 -24.41
N THR B 219 11.13 0.19 -23.12
CA THR B 219 10.62 -0.71 -22.07
C THR B 219 9.22 -1.22 -22.42
N MET B 220 8.39 -0.32 -22.94
CA MET B 220 7.04 -0.70 -23.30
C MET B 220 7.12 -1.88 -24.26
N ASP B 221 7.80 -1.69 -25.38
CA ASP B 221 7.95 -2.76 -26.37
C ASP B 221 8.45 -4.05 -25.72
N PHE B 222 9.40 -3.91 -24.80
CA PHE B 222 9.95 -5.07 -24.11
C PHE B 222 8.85 -5.92 -23.47
N MET B 223 7.92 -5.27 -22.76
CA MET B 223 6.81 -5.97 -22.10
C MET B 223 6.00 -6.71 -23.15
N VAL B 224 5.59 -5.97 -24.18
CA VAL B 224 4.79 -6.52 -25.26
C VAL B 224 5.29 -7.89 -25.67
N GLN B 225 6.61 -8.04 -25.74
CA GLN B 225 7.22 -9.31 -26.12
C GLN B 225 7.12 -10.35 -25.02
N HIS B 226 7.22 -9.91 -23.77
CA HIS B 226 7.16 -10.86 -22.66
C HIS B 226 5.78 -11.08 -22.06
N THR B 227 4.78 -10.59 -22.75
CA THR B 227 3.40 -10.78 -22.33
C THR B 227 2.73 -11.44 -23.51
N SER B 228 3.55 -11.91 -24.44
CA SER B 228 3.04 -12.59 -25.62
C SER B 228 2.69 -14.02 -25.18
N PHE B 229 1.77 -14.66 -25.90
CA PHE B 229 1.35 -16.02 -25.57
C PHE B 229 2.53 -16.99 -25.61
N LYS B 230 3.29 -16.90 -26.70
CA LYS B 230 4.46 -17.75 -26.92
C LYS B 230 5.37 -17.72 -25.69
N GLU B 231 5.76 -16.50 -25.31
CA GLU B 231 6.65 -16.27 -24.18
C GLU B 231 6.08 -16.73 -22.84
N MET B 232 4.84 -16.34 -22.54
CA MET B 232 4.20 -16.72 -21.28
C MET B 232 3.95 -18.22 -21.20
N LYS B 233 3.97 -18.88 -22.35
CA LYS B 233 3.76 -20.32 -22.40
C LYS B 233 5.01 -21.07 -21.91
N LYS B 234 6.19 -20.56 -22.27
CA LYS B 234 7.46 -21.17 -21.85
C LYS B 234 7.79 -20.82 -20.40
N ASN B 235 7.52 -19.57 -20.03
CA ASN B 235 7.79 -19.08 -18.67
C ASN B 235 7.02 -19.91 -17.65
N PRO B 236 7.74 -20.57 -16.73
CA PRO B 236 7.17 -21.42 -15.67
C PRO B 236 6.60 -20.60 -14.52
N MET B 237 6.90 -19.30 -14.53
CA MET B 237 6.42 -18.39 -13.50
C MET B 237 5.07 -17.78 -13.88
N THR B 238 4.55 -18.16 -15.05
CA THR B 238 3.25 -17.66 -15.51
C THR B 238 2.40 -18.73 -16.21
N ASN B 239 2.96 -19.90 -16.47
CA ASN B 239 2.17 -20.94 -17.15
C ASN B 239 1.52 -21.96 -16.22
N TYR B 240 1.63 -21.74 -14.92
CA TYR B 240 1.05 -22.61 -13.88
C TYR B 240 1.56 -24.05 -13.77
N THR B 241 2.71 -24.36 -14.37
CA THR B 241 3.28 -25.71 -14.30
C THR B 241 3.88 -25.99 -12.92
N THR B 242 3.93 -24.96 -12.09
CA THR B 242 4.49 -25.05 -10.75
C THR B 242 3.51 -25.51 -9.67
N VAL B 243 2.27 -25.80 -10.02
CA VAL B 243 1.31 -26.27 -9.03
C VAL B 243 1.24 -27.79 -9.18
N PRO B 244 0.93 -28.50 -8.09
CA PRO B 244 0.82 -29.97 -8.11
C PRO B 244 -0.10 -30.47 -9.22
N GLN B 245 0.11 -31.70 -9.69
CA GLN B 245 -0.71 -32.29 -10.76
C GLN B 245 -2.06 -32.78 -10.22
N GLU B 246 -2.29 -32.55 -8.93
CA GLU B 246 -3.53 -32.95 -8.27
C GLU B 246 -4.50 -31.76 -8.24
N LEU B 247 -3.95 -30.59 -8.54
CA LEU B 247 -4.71 -29.35 -8.60
C LEU B 247 -4.95 -29.09 -10.09
N MET B 248 -3.87 -29.14 -10.85
CA MET B 248 -3.88 -28.93 -12.29
C MET B 248 -3.08 -30.01 -13.00
N ASP B 249 -3.71 -30.71 -13.95
CA ASP B 249 -3.06 -31.78 -14.69
C ASP B 249 -2.84 -31.34 -16.15
N HIS B 250 -1.75 -30.62 -16.40
CA HIS B 250 -1.41 -30.11 -17.73
C HIS B 250 -1.35 -31.10 -18.88
N SER B 251 -1.22 -32.40 -18.58
CA SER B 251 -1.15 -33.40 -19.65
C SER B 251 -2.54 -33.56 -20.28
N ILE B 252 -3.56 -33.32 -19.48
CA ILE B 252 -4.93 -33.39 -19.96
C ILE B 252 -5.13 -32.21 -20.91
N SER B 253 -4.90 -31.01 -20.39
CA SER B 253 -5.03 -29.79 -21.17
C SER B 253 -4.16 -28.72 -20.51
N PRO B 254 -3.23 -28.13 -21.27
CA PRO B 254 -2.34 -27.09 -20.74
C PRO B 254 -3.11 -25.87 -20.23
N PHE B 255 -2.55 -25.17 -19.25
CA PHE B 255 -3.21 -23.99 -18.75
C PHE B 255 -3.16 -22.99 -19.91
N MET B 256 -2.03 -22.95 -20.60
CA MET B 256 -1.85 -22.08 -21.76
C MET B 256 -2.21 -22.94 -22.97
N ARG B 257 -3.50 -22.96 -23.30
CA ARG B 257 -4.00 -23.79 -24.40
C ARG B 257 -3.68 -23.31 -25.83
N LYS B 258 -4.27 -22.20 -26.25
CA LYS B 258 -4.03 -21.69 -27.61
C LYS B 258 -3.78 -20.18 -27.68
N GLY B 259 -4.40 -19.43 -26.77
CA GLY B 259 -4.22 -17.98 -26.76
C GLY B 259 -4.71 -17.32 -28.01
N MET B 260 -5.76 -17.87 -28.60
CA MET B 260 -6.30 -17.31 -29.84
C MET B 260 -7.79 -17.01 -29.76
N ALA B 261 -8.12 -15.87 -30.36
CA ALA B 261 -9.44 -15.35 -30.44
C ALA B 261 -10.02 -16.03 -31.69
N GLY B 262 -11.23 -16.60 -31.59
CA GLY B 262 -11.85 -17.25 -32.77
C GLY B 262 -11.66 -18.74 -32.86
N ASP B 263 -10.96 -19.32 -31.89
CA ASP B 263 -10.72 -20.75 -31.88
C ASP B 263 -11.98 -21.57 -31.59
N TRP B 264 -13.05 -20.89 -31.22
CA TRP B 264 -14.29 -21.60 -30.91
C TRP B 264 -14.87 -22.28 -32.13
N LYS B 265 -14.65 -21.68 -33.31
CA LYS B 265 -15.17 -22.22 -34.57
C LYS B 265 -14.80 -23.68 -34.83
N THR B 266 -13.77 -24.18 -34.17
CA THR B 266 -13.37 -25.56 -34.38
C THR B 266 -13.92 -26.48 -33.30
N THR B 267 -14.81 -25.96 -32.45
CA THR B 267 -15.40 -26.78 -31.40
C THR B 267 -16.93 -26.74 -31.46
N PHE B 268 -17.50 -25.57 -31.69
CA PHE B 268 -18.95 -25.43 -31.80
C PHE B 268 -19.44 -26.10 -33.08
N THR B 269 -20.54 -26.85 -32.98
CA THR B 269 -21.08 -27.47 -34.18
C THR B 269 -22.03 -26.42 -34.73
N VAL B 270 -22.45 -26.56 -35.97
CA VAL B 270 -23.35 -25.57 -36.52
C VAL B 270 -24.60 -25.46 -35.66
N ALA B 271 -25.11 -26.60 -35.20
CA ALA B 271 -26.32 -26.62 -34.38
C ALA B 271 -26.09 -25.86 -33.07
N GLN B 272 -24.98 -26.14 -32.39
CA GLN B 272 -24.67 -25.46 -31.15
C GLN B 272 -24.58 -23.96 -31.37
N ASN B 273 -23.90 -23.57 -32.44
CA ASN B 273 -23.73 -22.17 -32.75
C ASN B 273 -25.03 -21.42 -33.01
N GLU B 274 -26.02 -22.11 -33.56
CA GLU B 274 -27.31 -21.48 -33.84
C GLU B 274 -28.08 -21.30 -32.55
N ARG B 275 -28.05 -22.34 -31.73
CA ARG B 275 -28.74 -22.36 -30.44
C ARG B 275 -28.20 -21.25 -29.55
N PHE B 276 -26.87 -21.09 -29.60
CA PHE B 276 -26.18 -20.10 -28.79
C PHE B 276 -26.44 -18.66 -29.23
N ASP B 277 -26.46 -18.41 -30.53
CA ASP B 277 -26.70 -17.06 -31.04
C ASP B 277 -28.09 -16.55 -30.67
N ALA B 278 -29.09 -17.42 -30.75
CA ALA B 278 -30.45 -17.05 -30.42
C ALA B 278 -30.54 -16.68 -28.94
N ASP B 279 -29.98 -17.56 -28.10
CA ASP B 279 -29.95 -17.38 -26.66
C ASP B 279 -29.23 -16.10 -26.26
N TYR B 280 -28.08 -15.86 -26.89
CA TYR B 280 -27.28 -14.66 -26.62
C TYR B 280 -28.02 -13.39 -27.02
N ALA B 281 -28.76 -13.47 -28.12
CA ALA B 281 -29.53 -12.32 -28.59
C ALA B 281 -30.56 -11.91 -27.53
N GLU B 282 -31.17 -12.88 -26.86
CA GLU B 282 -32.16 -12.56 -25.83
C GLU B 282 -31.50 -11.99 -24.57
N LYS B 283 -30.36 -12.54 -24.19
CA LYS B 283 -29.69 -12.08 -22.98
C LYS B 283 -28.99 -10.74 -23.08
N MET B 284 -28.47 -10.43 -24.26
CA MET B 284 -27.76 -9.15 -24.45
C MET B 284 -28.62 -8.06 -25.09
N ALA B 285 -29.93 -8.32 -25.21
CA ALA B 285 -30.88 -7.41 -25.84
C ALA B 285 -30.69 -5.89 -25.66
N GLY B 286 -30.92 -5.37 -24.45
CA GLY B 286 -30.78 -3.94 -24.25
C GLY B 286 -29.44 -3.46 -23.75
N CYS B 287 -28.37 -4.22 -23.99
CA CYS B 287 -27.07 -3.78 -23.50
C CYS B 287 -26.18 -3.15 -24.56
N SER B 288 -25.46 -2.11 -24.14
CA SER B 288 -24.55 -1.39 -25.00
C SER B 288 -23.22 -2.15 -25.18
N LEU B 289 -23.06 -3.26 -24.47
CA LEU B 289 -21.85 -4.08 -24.56
C LEU B 289 -21.77 -4.79 -25.92
N SER B 290 -20.60 -4.77 -26.54
CA SER B 290 -20.41 -5.40 -27.85
C SER B 290 -19.15 -6.25 -27.92
N PHE B 291 -19.29 -7.53 -28.31
CA PHE B 291 -18.12 -8.41 -28.40
C PHE B 291 -17.81 -8.87 -29.82
N ARG B 292 -16.51 -9.03 -30.09
CA ARG B 292 -16.04 -9.50 -31.38
C ARG B 292 -15.67 -10.99 -31.29
N SER B 293 -16.44 -11.84 -31.97
CA SER B 293 -16.21 -13.29 -31.95
C SER B 293 -14.93 -13.75 -32.63
N GLU B 294 -14.23 -12.84 -33.30
CA GLU B 294 -12.96 -13.16 -33.97
C GLU B 294 -12.31 -11.89 -34.52
N LEU B 295 -11.07 -12.00 -34.96
CA LEU B 295 -10.35 -10.84 -35.47
C LEU B 295 -10.21 -10.81 -36.99
#